data_3I7C
#
_entry.id   3I7C
#
_cell.length_a   48.139
_cell.length_b   72.522
_cell.length_c   67.116
_cell.angle_alpha   90.00
_cell.angle_beta   103.76
_cell.angle_gamma   90.00
#
_symmetry.space_group_name_H-M   'P 1 21 1'
#
loop_
_entity.id
_entity.type
_entity.pdbx_description
1 polymer 'Calmodulin-domain protein kinase 1'
2 non-polymer 1-tert-butyl-3-naphthalen-2-yl-1H-pyrazolo[3,4-d]pyrimidin-4-amine
3 water water
#
_entity_poly.entity_id   1
_entity_poly.type   'polypeptide(L)'
_entity_poly.pdbx_seq_one_letter_code
;GPGS(MSE)(MSE)DHLHATPG(MSE)FVQHSTAIFSDRYKGQRVLGKGSFGEVILCKDKITGQECAVKVISKRQVKQKT
DKESLLREVQLLKQLDHPNI(MSE)KLYEFFEDKGYFYLVGEVYTGGELFDEIISRKRFSEVDAARIIRQVLSGITY
(MSE)HKNKIVHRDLKPENLLLESKSKDANIRIIDFGLSTHFEASKK(MSE)KDKIGTAYYIAPEVLHGTYDEKCDVWST
GVILYILLSGCPPFNGANEYDILKKVEKGKYTFELPQWKKVSESAKDLIRK(MSE)LTYVPS(MSE)RISARDALDHEWI
QTYTKEQISVDVPSLDNAILNIRQFQGTQKLAQAALLY(MSE)GSKLTSQDETKELTAIFHK(MSE)DKNGDGQLDRAEL
IEGYKEL(MSE)R(MSE)KGQDAS(MSE)LDASAVEHEVDQVLDAVDFDKNGYIEYSEFVTVA(MSE)DRKTLLSRERLE
RAFR(MSE)FDSDNSGKISSTELATIFGVSDVDSETWKSVLSEVDKNNDGEVDFDEFQQ(MSE)LLKLCGN
;
_entity_poly.pdbx_strand_id   A
#
# COMPACT_ATOMS: atom_id res chain seq x y z
N SER A 20 34.57 1.96 7.91
CA SER A 20 33.85 2.83 6.93
C SER A 20 32.43 2.33 6.70
N THR A 21 31.45 3.15 7.07
CA THR A 21 30.04 2.80 6.96
C THR A 21 29.60 2.66 5.49
N ALA A 22 28.88 1.58 5.18
CA ALA A 22 28.41 1.32 3.82
C ALA A 22 27.27 2.27 3.46
N ILE A 23 27.27 2.76 2.22
CA ILE A 23 26.29 3.72 1.75
C ILE A 23 25.42 3.11 0.68
N PHE A 24 24.11 3.28 0.82
CA PHE A 24 23.15 2.66 -0.06
C PHE A 24 23.39 3.05 -1.53
N SER A 25 23.58 4.34 -1.77
CA SER A 25 23.78 4.91 -3.12
C SER A 25 25.09 4.53 -3.79
N ASP A 26 26.09 4.12 -3.01
CA ASP A 26 27.34 3.62 -3.57
C ASP A 26 27.16 2.25 -4.21
N ARG A 27 26.11 1.53 -3.84
CA ARG A 27 25.90 0.17 -4.30
C ARG A 27 24.72 0.02 -5.24
N TYR A 28 23.64 0.77 -4.99
CA TYR A 28 22.40 0.64 -5.75
C TYR A 28 22.02 1.93 -6.46
N LYS A 29 21.50 1.79 -7.67
CA LYS A 29 20.90 2.90 -8.39
C LYS A 29 19.40 2.63 -8.50
N GLY A 30 18.58 3.67 -8.33
CA GLY A 30 17.14 3.55 -8.47
C GLY A 30 16.72 3.44 -9.94
N GLN A 31 15.85 2.48 -10.24
CA GLN A 31 15.34 2.25 -11.60
C GLN A 31 14.02 2.95 -11.78
N ARG A 32 13.10 2.72 -10.84
CA ARG A 32 11.79 3.39 -10.80
C ARG A 32 11.11 3.16 -9.47
N VAL A 33 10.03 3.90 -9.23
CA VAL A 33 9.20 3.70 -8.05
C VAL A 33 8.20 2.57 -8.30
N LEU A 34 8.19 1.57 -7.41
CA LEU A 34 7.26 0.44 -7.53
C LEU A 34 5.92 0.73 -6.87
N GLY A 35 5.95 1.45 -5.76
CA GLY A 35 4.73 1.83 -5.07
C GLY A 35 4.94 2.19 -3.61
N LYS A 36 3.86 2.11 -2.84
CA LYS A 36 3.85 2.60 -1.48
C LYS A 36 3.30 1.49 -0.61
N GLY A 37 3.98 1.20 0.48
CA GLY A 37 3.48 0.25 1.46
C GLY A 37 3.68 0.78 2.85
N SER A 38 3.44 -0.07 3.83
CA SER A 38 3.65 0.32 5.22
C SER A 38 5.06 0.86 5.41
N PHE A 39 5.14 2.00 6.09
CA PHE A 39 6.39 2.65 6.53
C PHE A 39 7.19 3.40 5.47
N GLY A 40 6.84 3.26 4.19
CA GLY A 40 7.50 4.05 3.16
C GLY A 40 7.34 3.58 1.75
N GLU A 41 8.01 4.28 0.84
CA GLU A 41 7.96 3.98 -0.57
C GLU A 41 8.88 2.83 -0.90
N VAL A 42 8.56 2.14 -2.00
CA VAL A 42 9.33 1.02 -2.44
C VAL A 42 9.80 1.31 -3.84
N ILE A 43 11.12 1.27 -4.02
CA ILE A 43 11.78 1.62 -5.27
C ILE A 43 12.42 0.38 -5.86
N LEU A 44 12.31 0.21 -7.18
CA LEU A 44 13.07 -0.81 -7.88
C LEU A 44 14.48 -0.26 -8.06
N CYS A 45 15.47 -0.99 -7.55
CA CYS A 45 16.87 -0.58 -7.64
C CYS A 45 17.70 -1.70 -8.24
N LYS A 46 18.92 -1.35 -8.62
CA LYS A 46 19.82 -2.26 -9.32
C LYS A 46 21.22 -2.11 -8.75
N ASP A 47 21.85 -3.23 -8.44
CA ASP A 47 23.23 -3.24 -7.96
C ASP A 47 24.10 -2.67 -9.07
N LYS A 48 24.92 -1.68 -8.76
CA LYS A 48 25.77 -1.00 -9.76
C LYS A 48 26.89 -1.87 -10.33
N ILE A 49 27.24 -2.94 -9.63
CA ILE A 49 28.28 -3.86 -10.09
C ILE A 49 27.69 -5.11 -10.74
N THR A 50 26.81 -5.81 -10.01
CA THR A 50 26.33 -7.13 -10.41
C THR A 50 25.06 -7.10 -11.27
N GLY A 51 24.43 -5.94 -11.37
CA GLY A 51 23.16 -5.79 -12.10
C GLY A 51 21.93 -6.40 -11.43
N GLN A 52 22.10 -6.96 -10.24
CA GLN A 52 20.98 -7.59 -9.51
C GLN A 52 19.91 -6.54 -9.21
N GLU A 53 18.66 -6.84 -9.57
CA GLU A 53 17.54 -5.97 -9.29
C GLU A 53 16.95 -6.32 -7.92
N CYS A 54 16.51 -5.30 -7.20
CA CYS A 54 15.95 -5.47 -5.86
C CYS A 54 14.82 -4.47 -5.63
N ALA A 55 14.00 -4.74 -4.62
CA ALA A 55 12.98 -3.81 -4.18
C ALA A 55 13.44 -3.23 -2.85
N VAL A 56 13.53 -1.91 -2.77
CA VAL A 56 14.06 -1.26 -1.60
C VAL A 56 12.97 -0.44 -0.93
N LYS A 57 12.58 -0.84 0.28
CA LYS A 57 11.68 -0.03 1.09
C LYS A 57 12.50 1.05 1.74
N VAL A 58 12.09 2.30 1.52
CA VAL A 58 12.81 3.46 2.03
C VAL A 58 11.97 4.05 3.14
N ILE A 59 12.46 3.96 4.37
CA ILE A 59 11.74 4.47 5.52
C ILE A 59 12.36 5.79 5.97
N SER A 60 11.55 6.85 5.99
CA SER A 60 11.98 8.17 6.44
C SER A 60 11.92 8.31 7.95
N LYS A 61 13.08 8.54 8.57
CA LYS A 61 13.20 8.68 10.03
C LYS A 61 12.39 9.87 10.59
N ARG A 62 12.20 10.89 9.77
CA ARG A 62 11.37 12.04 10.15
C ARG A 62 9.89 11.68 10.27
N GLN A 63 9.41 10.81 9.40
CA GLN A 63 7.99 10.50 9.28
C GLN A 63 7.58 9.23 10.02
N VAL A 64 8.56 8.40 10.37
CA VAL A 64 8.31 7.11 10.99
C VAL A 64 9.18 6.97 12.24
N LYS A 65 8.53 6.82 13.39
CA LYS A 65 9.23 6.68 14.65
C LYS A 65 9.58 5.23 14.90
N GLN A 66 10.75 5.00 15.47
CA GLN A 66 11.18 3.66 15.85
C GLN A 66 10.59 3.32 17.22
N LYS A 67 10.13 2.08 17.36
CA LYS A 67 9.58 1.58 18.63
C LYS A 67 10.66 0.90 19.50
N THR A 68 11.73 0.45 18.85
CA THR A 68 12.82 -0.25 19.54
C THR A 68 14.10 0.56 19.42
N ASP A 69 15.12 0.18 20.20
CA ASP A 69 16.41 0.86 20.10
C ASP A 69 17.18 0.36 18.89
N LYS A 70 18.21 1.11 18.51
CA LYS A 70 19.09 0.78 17.38
C LYS A 70 19.56 -0.67 17.47
N GLU A 71 19.99 -1.06 18.67
CA GLU A 71 20.52 -2.40 18.94
C GLU A 71 19.58 -3.50 18.46
N SER A 72 18.34 -3.49 18.93
CA SER A 72 17.40 -4.58 18.66
C SER A 72 16.97 -4.62 17.18
N LEU A 73 16.94 -3.45 16.52
CA LEU A 73 16.64 -3.40 15.09
C LEU A 73 17.71 -4.11 14.28
N LEU A 74 18.98 -3.81 14.57
CA LEU A 74 20.10 -4.45 13.88
C LEU A 74 20.07 -5.96 14.04
N ARG A 75 19.79 -6.44 15.26
CA ARG A 75 19.65 -7.88 15.55
C ARG A 75 18.54 -8.53 14.74
N GLU A 76 17.41 -7.84 14.67
CA GLU A 76 16.26 -8.35 13.94
C GLU A 76 16.61 -8.44 12.47
N VAL A 77 17.20 -7.35 11.94
CA VAL A 77 17.66 -7.33 10.54
C VAL A 77 18.59 -8.51 10.26
N GLN A 78 19.56 -8.72 11.15
CA GLN A 78 20.51 -9.81 11.01
C GLN A 78 19.82 -11.17 10.95
N LEU A 79 18.80 -11.37 11.79
CA LEU A 79 18.01 -12.60 11.76
C LEU A 79 17.20 -12.68 10.46
N LEU A 80 16.46 -11.62 10.14
CA LEU A 80 15.63 -11.60 8.93
C LEU A 80 16.44 -11.99 7.69
N LYS A 81 17.68 -11.50 7.60
CA LYS A 81 18.53 -11.83 6.45
C LYS A 81 18.90 -13.32 6.31
N GLN A 82 18.89 -14.04 7.42
CA GLN A 82 19.23 -15.46 7.40
C GLN A 82 18.03 -16.37 7.20
N LEU A 83 16.82 -15.84 7.33
CA LEU A 83 15.63 -16.66 7.17
C LEU A 83 15.31 -16.86 5.69
N ASP A 84 14.69 -17.99 5.39
CA ASP A 84 14.35 -18.33 4.03
C ASP A 84 13.14 -19.24 3.99
N HIS A 85 12.12 -18.82 3.25
CA HIS A 85 10.91 -19.59 3.09
C HIS A 85 10.24 -19.13 1.82
N PRO A 86 9.76 -20.08 0.99
CA PRO A 86 9.17 -19.70 -0.29
C PRO A 86 7.97 -18.75 -0.21
N ASN A 87 7.34 -18.60 0.95
CA ASN A 87 6.20 -17.70 1.09
C ASN A 87 6.50 -16.44 1.91
N ILE A 88 7.77 -16.18 2.16
CA ILE A 88 8.20 -14.98 2.88
C ILE A 88 9.17 -14.19 1.99
N LYS A 90 12.25 -12.37 0.73
CA LYS A 90 13.66 -12.47 1.05
C LYS A 90 14.23 -11.07 1.24
N LEU A 91 14.89 -10.87 2.37
CA LEU A 91 15.60 -9.64 2.68
C LEU A 91 17.08 -9.89 2.45
N TYR A 92 17.75 -8.97 1.74
CA TYR A 92 19.17 -9.12 1.41
C TYR A 92 20.07 -8.20 2.24
N GLU A 93 19.73 -6.92 2.31
CA GLU A 93 20.62 -5.90 2.88
C GLU A 93 19.85 -4.83 3.64
N PHE A 94 20.56 -4.13 4.51
CA PHE A 94 19.98 -3.06 5.31
C PHE A 94 20.98 -1.91 5.41
N PHE A 95 20.52 -0.70 5.13
CA PHE A 95 21.35 0.49 5.27
C PHE A 95 20.60 1.52 6.09
N GLU A 96 21.37 2.45 6.63
CA GLU A 96 20.84 3.54 7.43
C GLU A 96 21.74 4.74 7.19
N ASP A 97 21.14 5.89 6.91
CA ASP A 97 21.88 7.15 6.92
C ASP A 97 21.13 8.11 7.84
N LYS A 98 21.44 9.40 7.75
CA LYS A 98 20.90 10.37 8.70
C LYS A 98 19.38 10.52 8.61
N GLY A 99 18.80 10.36 7.42
CA GLY A 99 17.37 10.60 7.22
C GLY A 99 16.52 9.36 6.97
N TYR A 100 17.15 8.25 6.61
CA TYR A 100 16.42 7.09 6.11
C TYR A 100 16.98 5.75 6.55
N PHE A 101 16.10 4.77 6.54
CA PHE A 101 16.46 3.36 6.55
C PHE A 101 16.21 2.83 5.14
N TYR A 102 17.07 1.94 4.67
CA TYR A 102 16.89 1.30 3.36
C TYR A 102 16.91 -0.22 3.54
N LEU A 103 15.76 -0.85 3.31
CA LEU A 103 15.62 -2.29 3.41
C LEU A 103 15.58 -2.86 2.00
N VAL A 104 16.56 -3.70 1.66
CA VAL A 104 16.72 -4.19 0.30
C VAL A 104 16.29 -5.63 0.25
N GLY A 105 15.24 -5.91 -0.52
CA GLY A 105 14.69 -7.25 -0.62
C GLY A 105 14.46 -7.66 -2.06
N GLU A 106 13.96 -8.88 -2.23
CA GLU A 106 13.74 -9.45 -3.55
C GLU A 106 12.51 -8.81 -4.19
N VAL A 107 12.60 -8.50 -5.48
CA VAL A 107 11.49 -7.90 -6.23
C VAL A 107 10.55 -9.00 -6.71
N TYR A 108 9.26 -8.82 -6.46
CA TYR A 108 8.24 -9.71 -7.00
C TYR A 108 7.37 -8.94 -7.98
N THR A 109 6.97 -9.62 -9.06
CA THR A 109 6.33 -8.95 -10.19
C THR A 109 4.88 -9.37 -10.42
N GLY A 110 4.36 -10.27 -9.59
CA GLY A 110 3.01 -10.80 -9.76
C GLY A 110 1.91 -9.91 -9.22
N GLY A 111 2.28 -8.89 -8.45
CA GLY A 111 1.31 -7.94 -7.91
C GLY A 111 0.62 -8.44 -6.67
N GLU A 112 -0.31 -7.65 -6.15
CA GLU A 112 -1.11 -8.03 -5.00
C GLU A 112 -2.09 -9.16 -5.33
N LEU A 113 -2.17 -10.14 -4.44
CA LEU A 113 -3.04 -11.32 -4.57
C LEU A 113 -4.47 -11.01 -5.01
N PHE A 114 -5.13 -10.08 -4.33
CA PHE A 114 -6.52 -9.76 -4.62
C PHE A 114 -6.71 -9.18 -6.02
N ASP A 115 -5.66 -8.54 -6.55
CA ASP A 115 -5.67 -8.00 -7.91
C ASP A 115 -5.55 -9.10 -8.97
N GLU A 116 -4.97 -10.24 -8.60
CA GLU A 116 -4.94 -11.40 -9.49
C GLU A 116 -6.27 -12.15 -9.43
N ILE A 117 -6.80 -12.29 -8.21
CA ILE A 117 -8.05 -13.03 -7.98
C ILE A 117 -9.23 -12.42 -8.73
N ILE A 118 -9.35 -11.10 -8.74
CA ILE A 118 -10.48 -10.44 -9.40
C ILE A 118 -10.42 -10.57 -10.93
N SER A 119 -9.22 -10.76 -11.49
CA SER A 119 -9.06 -10.96 -12.94
C SER A 119 -9.48 -12.38 -13.39
N ARG A 120 -9.53 -13.32 -12.45
CA ARG A 120 -9.87 -14.71 -12.77
C ARG A 120 -11.34 -14.88 -13.17
N LYS A 121 -11.60 -15.85 -14.03
CA LYS A 121 -12.95 -16.19 -14.43
C LYS A 121 -13.66 -17.00 -13.34
N ARG A 122 -12.92 -17.91 -12.69
CA ARG A 122 -13.47 -18.74 -11.63
C ARG A 122 -12.57 -18.81 -10.40
N PHE A 123 -13.18 -19.12 -9.26
CA PHE A 123 -12.48 -19.17 -7.97
C PHE A 123 -13.25 -20.11 -7.04
N SER A 124 -12.56 -21.10 -6.50
CA SER A 124 -13.19 -22.13 -5.69
C SER A 124 -12.52 -22.25 -4.35
N GLU A 125 -13.12 -23.07 -3.48
CA GLU A 125 -12.53 -23.41 -2.19
C GLU A 125 -11.15 -24.05 -2.36
N VAL A 126 -10.92 -24.74 -3.47
CA VAL A 126 -9.59 -25.29 -3.76
C VAL A 126 -8.56 -24.18 -3.93
N ASP A 127 -8.91 -23.16 -4.70
CA ASP A 127 -8.04 -22.01 -4.91
C ASP A 127 -7.81 -21.22 -3.61
N ALA A 128 -8.88 -21.06 -2.83
CA ALA A 128 -8.79 -20.41 -1.51
C ALA A 128 -7.88 -21.19 -0.56
N ALA A 129 -8.06 -22.51 -0.50
CA ALA A 129 -7.24 -23.36 0.38
C ALA A 129 -5.77 -23.34 -0.02
N ARG A 130 -5.49 -23.37 -1.31
CA ARG A 130 -4.10 -23.29 -1.79
C ARG A 130 -3.44 -21.96 -1.42
N ILE A 131 -4.22 -20.87 -1.46
CA ILE A 131 -3.77 -19.56 -1.00
C ILE A 131 -3.48 -19.56 0.50
N ILE A 132 -4.44 -20.04 1.28
CA ILE A 132 -4.32 -19.98 2.75
C ILE A 132 -3.25 -20.94 3.27
N ARG A 133 -3.08 -22.08 2.63
CA ARG A 133 -1.98 -22.98 3.00
C ARG A 133 -0.64 -22.25 2.88
N GLN A 134 -0.44 -21.53 1.78
CA GLN A 134 0.80 -20.77 1.57
C GLN A 134 1.00 -19.74 2.66
N VAL A 135 -0.05 -18.98 2.96
CA VAL A 135 0.03 -17.95 3.99
C VAL A 135 0.34 -18.58 5.35
N LEU A 136 -0.40 -19.62 5.72
CA LEU A 136 -0.17 -20.33 6.98
C LEU A 136 1.22 -20.98 7.05
N SER A 137 1.72 -21.44 5.91
CA SER A 137 3.06 -22.02 5.85
C SER A 137 4.13 -20.97 6.18
N GLY A 138 4.04 -19.81 5.55
CA GLY A 138 4.92 -18.67 5.85
C GLY A 138 4.81 -18.20 7.29
N ILE A 139 3.59 -18.02 7.78
CA ILE A 139 3.35 -17.60 9.14
C ILE A 139 3.95 -18.60 10.13
N THR A 140 3.67 -19.89 9.92
CA THR A 140 4.20 -20.96 10.76
C THR A 140 5.71 -20.86 10.90
N TYR A 141 6.37 -20.68 9.76
CA TYR A 141 7.83 -20.57 9.72
C TYR A 141 8.31 -19.33 10.49
N HIS A 143 6.68 -17.66 12.89
CA HIS A 143 6.38 -17.85 14.30
C HIS A 143 7.38 -18.76 14.99
N LYS A 144 7.79 -19.82 14.29
CA LYS A 144 8.89 -20.68 14.76
C LYS A 144 10.17 -19.89 15.05
N ASN A 145 10.39 -18.81 14.31
CA ASN A 145 11.55 -17.95 14.54
C ASN A 145 11.25 -16.69 15.38
N LYS A 146 10.13 -16.71 16.09
CA LYS A 146 9.73 -15.64 17.00
C LYS A 146 9.53 -14.28 16.32
N ILE A 147 9.04 -14.29 15.08
CA ILE A 147 8.70 -13.06 14.35
C ILE A 147 7.19 -13.00 14.15
N VAL A 148 6.58 -11.86 14.49
CA VAL A 148 5.14 -11.65 14.34
C VAL A 148 4.93 -10.55 13.30
N HIS A 149 3.87 -10.66 12.52
CA HIS A 149 3.57 -9.64 11.52
C HIS A 149 2.74 -8.52 12.16
N ARG A 150 1.62 -8.91 12.75
CA ARG A 150 0.67 -7.98 13.39
C ARG A 150 -0.23 -7.21 12.41
N ASP A 151 0.25 -6.97 11.19
CA ASP A 151 -0.47 -6.14 10.22
C ASP A 151 -0.72 -6.88 8.92
N LEU A 152 -0.94 -8.19 9.05
CA LEU A 152 -1.20 -9.02 7.90
C LEU A 152 -2.52 -8.59 7.27
N LYS A 153 -2.49 -8.36 5.97
CA LYS A 153 -3.67 -7.97 5.22
C LYS A 153 -3.44 -8.32 3.76
N PRO A 154 -4.48 -8.26 2.93
CA PRO A 154 -4.34 -8.69 1.53
C PRO A 154 -3.22 -8.00 0.76
N GLU A 155 -3.01 -6.71 0.97
CA GLU A 155 -1.93 -5.99 0.26
C GLU A 155 -0.52 -6.42 0.69
N ASN A 156 -0.38 -7.14 1.81
CA ASN A 156 0.91 -7.75 2.16
C ASN A 156 1.14 -9.12 1.54
N LEU A 157 0.23 -9.56 0.67
CA LEU A 157 0.35 -10.83 -0.03
C LEU A 157 0.62 -10.55 -1.48
N LEU A 158 1.87 -10.74 -1.89
CA LEU A 158 2.27 -10.51 -3.28
C LEU A 158 2.42 -11.85 -3.96
N LEU A 159 2.23 -11.85 -5.28
CA LEU A 159 2.51 -13.03 -6.07
C LEU A 159 3.93 -12.88 -6.60
N GLU A 160 4.71 -13.96 -6.53
CA GLU A 160 6.14 -13.93 -6.86
C GLU A 160 6.37 -13.46 -8.29
N SER A 161 5.54 -13.97 -9.21
CA SER A 161 5.61 -13.57 -10.60
C SER A 161 4.20 -13.59 -11.20
N LYS A 162 4.10 -13.26 -12.48
CA LYS A 162 2.81 -13.25 -13.19
C LYS A 162 2.38 -14.62 -13.71
N SER A 163 3.18 -15.65 -13.43
CA SER A 163 2.80 -17.03 -13.78
C SER A 163 1.56 -17.44 -12.99
N LYS A 164 0.72 -18.27 -13.59
CA LYS A 164 -0.55 -18.69 -12.97
C LYS A 164 -0.34 -19.44 -11.66
N ASP A 165 0.69 -20.29 -11.63
CA ASP A 165 1.02 -21.09 -10.45
C ASP A 165 1.90 -20.36 -9.41
N ALA A 166 1.95 -19.02 -9.48
CA ALA A 166 2.95 -18.27 -8.73
C ALA A 166 2.72 -18.36 -7.22
N ASN A 167 3.81 -18.49 -6.48
CA ASN A 167 3.74 -18.51 -5.02
C ASN A 167 3.46 -17.12 -4.46
N ILE A 168 2.77 -17.13 -3.32
CA ILE A 168 2.52 -15.94 -2.54
C ILE A 168 3.76 -15.64 -1.71
N ARG A 169 4.15 -14.36 -1.68
CA ARG A 169 5.21 -13.89 -0.80
C ARG A 169 4.61 -12.87 0.13
N ILE A 170 4.70 -13.13 1.43
CA ILE A 170 4.24 -12.20 2.45
C ILE A 170 5.32 -11.15 2.66
N ILE A 171 4.92 -9.89 2.61
CA ILE A 171 5.82 -8.76 2.87
C ILE A 171 5.52 -8.14 4.22
N ASP A 172 6.56 -7.49 4.79
CA ASP A 172 6.49 -6.67 6.00
C ASP A 172 6.53 -7.45 7.33
N PHE A 173 6.87 -8.73 7.28
CA PHE A 173 7.02 -9.50 8.53
C PHE A 173 8.11 -8.89 9.40
N GLY A 174 7.75 -8.52 10.64
CA GLY A 174 8.72 -8.05 11.61
C GLY A 174 8.90 -6.54 11.68
N LEU A 175 8.36 -5.81 10.70
CA LEU A 175 8.54 -4.36 10.65
C LEU A 175 7.74 -3.65 11.73
N SER A 176 6.53 -4.14 12.00
CA SER A 176 5.63 -3.47 12.94
C SER A 176 6.16 -3.51 14.37
N THR A 177 7.04 -4.48 14.64
CA THR A 177 7.70 -4.58 15.94
C THR A 177 8.65 -3.40 16.16
N HIS A 178 9.23 -2.90 15.06
CA HIS A 178 10.27 -1.87 15.16
C HIS A 178 9.84 -0.48 14.76
N PHE A 179 8.74 -0.35 14.01
CA PHE A 179 8.34 0.95 13.50
C PHE A 179 6.89 1.24 13.83
N GLU A 180 6.64 2.48 14.24
CA GLU A 180 5.32 2.90 14.67
C GLU A 180 4.43 3.13 13.45
N ALA A 181 3.26 2.50 13.43
CA ALA A 181 2.34 2.66 12.32
C ALA A 181 1.86 4.11 12.20
N SER A 182 1.65 4.57 10.97
CA SER A 182 1.14 5.91 10.73
C SER A 182 -0.27 6.05 11.27
N LYS A 183 -0.61 7.26 11.70
CA LYS A 183 -1.96 7.57 12.18
C LYS A 183 -2.79 8.22 11.08
N LYS A 184 -2.20 8.38 9.90
CA LYS A 184 -2.87 9.05 8.77
C LYS A 184 -3.66 8.06 7.94
N LYS A 186 -4.45 7.88 4.77
CA LYS A 186 -3.84 7.45 3.50
C LYS A 186 -2.91 6.26 3.68
N ASP A 187 -2.36 6.12 4.88
CA ASP A 187 -1.51 5.00 5.26
C ASP A 187 -2.29 3.86 5.92
N LYS A 188 -3.46 4.17 6.47
CA LYS A 188 -4.25 3.21 7.25
C LYS A 188 -5.34 2.47 6.48
N ILE A 189 -5.51 2.75 5.18
CA ILE A 189 -6.60 2.15 4.41
C ILE A 189 -6.55 0.63 4.51
N GLY A 190 -7.67 0.03 4.91
CA GLY A 190 -7.75 -1.42 5.02
C GLY A 190 -7.33 -2.01 6.36
N THR A 191 -6.51 -1.32 7.15
CA THR A 191 -5.96 -1.94 8.37
C THR A 191 -7.04 -2.46 9.33
N ALA A 192 -8.10 -1.70 9.53
CA ALA A 192 -9.07 -2.00 10.57
C ALA A 192 -9.81 -3.34 10.40
N TYR A 193 -10.03 -3.78 9.15
CA TYR A 193 -10.73 -5.05 8.92
C TYR A 193 -9.97 -6.27 9.50
N TYR A 194 -8.65 -6.19 9.53
CA TYR A 194 -7.78 -7.35 9.75
C TYR A 194 -7.10 -7.44 11.11
N ILE A 195 -7.12 -6.36 11.87
CA ILE A 195 -6.41 -6.28 13.14
C ILE A 195 -7.10 -7.15 14.19
N ALA A 196 -6.32 -7.95 14.91
CA ALA A 196 -6.85 -8.79 15.98
C ALA A 196 -7.26 -7.91 17.14
N PRO A 197 -8.36 -8.26 17.82
CA PRO A 197 -8.86 -7.48 18.95
C PRO A 197 -7.80 -7.24 20.02
N GLU A 198 -6.97 -8.24 20.28
CA GLU A 198 -5.98 -8.14 21.35
C GLU A 198 -4.90 -7.10 21.00
N VAL A 199 -4.65 -6.90 19.70
CA VAL A 199 -3.75 -5.84 19.26
C VAL A 199 -4.29 -4.46 19.68
N LEU A 200 -5.59 -4.27 19.50
CA LEU A 200 -6.23 -3.03 19.94
C LEU A 200 -6.09 -2.78 21.44
N HIS A 201 -6.15 -3.84 22.24
CA HIS A 201 -6.12 -3.68 23.69
C HIS A 201 -4.72 -3.65 24.32
N GLY A 202 -3.70 -4.08 23.56
CA GLY A 202 -2.31 -3.91 23.97
C GLY A 202 -1.52 -5.17 24.31
N THR A 203 -2.20 -6.23 24.74
CA THR A 203 -1.52 -7.49 25.03
C THR A 203 -1.72 -8.43 23.85
N TYR A 204 -0.67 -8.65 23.07
CA TYR A 204 -0.79 -9.51 21.89
C TYR A 204 0.47 -10.33 21.66
N ASP A 205 0.29 -11.41 20.91
CA ASP A 205 1.37 -12.32 20.58
C ASP A 205 1.14 -12.86 19.16
N GLU A 206 1.91 -13.86 18.77
CA GLU A 206 1.87 -14.39 17.40
C GLU A 206 0.49 -14.82 16.92
N LYS A 207 -0.42 -15.16 17.83
CA LYS A 207 -1.78 -15.56 17.45
C LYS A 207 -2.55 -14.48 16.68
N CYS A 208 -2.17 -13.22 16.81
CA CYS A 208 -2.84 -12.15 16.06
C CYS A 208 -2.76 -12.37 14.55
N ASP A 209 -1.71 -13.05 14.11
CA ASP A 209 -1.54 -13.33 12.67
C ASP A 209 -2.54 -14.38 12.20
N VAL A 210 -2.93 -15.29 13.09
CA VAL A 210 -3.96 -16.29 12.77
C VAL A 210 -5.32 -15.63 12.61
N TRP A 211 -5.64 -14.71 13.51
CA TRP A 211 -6.88 -13.92 13.40
C TRP A 211 -6.95 -13.24 12.04
N SER A 212 -5.89 -12.51 11.69
CA SER A 212 -5.86 -11.75 10.44
C SER A 212 -6.03 -12.67 9.23
N THR A 213 -5.42 -13.84 9.28
CA THR A 213 -5.54 -14.83 8.21
C THR A 213 -6.96 -15.39 8.15
N GLY A 214 -7.58 -15.55 9.31
CA GLY A 214 -8.98 -15.92 9.39
C GLY A 214 -9.88 -14.89 8.74
N VAL A 215 -9.55 -13.60 8.90
CA VAL A 215 -10.30 -12.53 8.26
C VAL A 215 -10.15 -12.57 6.75
N ILE A 216 -8.93 -12.78 6.30
CA ILE A 216 -8.64 -12.89 4.87
C ILE A 216 -9.41 -14.07 4.28
N LEU A 217 -9.39 -15.23 4.95
CA LEU A 217 -10.13 -16.42 4.50
C LEU A 217 -11.63 -16.15 4.39
N TYR A 218 -12.19 -15.54 5.42
CA TYR A 218 -13.58 -15.14 5.39
C TYR A 218 -13.88 -14.32 4.12
N ILE A 219 -12.98 -13.39 3.79
CA ILE A 219 -13.15 -12.53 2.63
C ILE A 219 -12.98 -13.32 1.33
N LEU A 220 -12.02 -14.24 1.29
CA LEU A 220 -11.82 -15.04 0.09
C LEU A 220 -13.07 -15.83 -0.30
N LEU A 221 -13.76 -16.36 0.70
CA LEU A 221 -14.90 -17.25 0.50
C LEU A 221 -16.26 -16.54 0.36
N SER A 222 -16.37 -15.30 0.84
CA SER A 222 -17.61 -14.53 0.71
C SER A 222 -17.45 -13.20 -0.01
N GLY A 223 -16.23 -12.70 -0.07
CA GLY A 223 -15.99 -11.38 -0.64
C GLY A 223 -16.41 -10.20 0.22
N CYS A 224 -16.69 -10.46 1.49
CA CYS A 224 -17.09 -9.40 2.43
C CYS A 224 -16.29 -9.50 3.72
N PRO A 225 -15.87 -8.36 4.30
CA PRO A 225 -15.21 -8.42 5.60
C PRO A 225 -16.16 -8.95 6.69
N PRO A 226 -15.67 -9.81 7.60
CA PRO A 226 -16.54 -10.28 8.69
C PRO A 226 -16.91 -9.16 9.67
N PHE A 227 -16.01 -8.19 9.83
CA PHE A 227 -16.23 -7.04 10.69
C PHE A 227 -16.19 -5.80 9.83
N ASN A 228 -17.35 -5.21 9.62
CA ASN A 228 -17.47 -4.08 8.70
C ASN A 228 -18.22 -2.93 9.37
N GLY A 229 -18.16 -1.76 8.74
CA GLY A 229 -18.87 -0.60 9.21
C GLY A 229 -18.73 0.56 8.24
N ALA A 230 -19.33 1.69 8.60
CA ALA A 230 -19.42 2.84 7.71
C ALA A 230 -18.18 3.74 7.79
N ASN A 231 -17.32 3.48 8.77
CA ASN A 231 -16.07 4.22 8.91
C ASN A 231 -15.10 3.41 9.77
N GLU A 232 -13.86 3.88 9.90
CA GLU A 232 -12.82 3.11 10.56
C GLU A 232 -13.21 2.75 12.00
N TYR A 233 -13.75 3.71 12.74
CA TYR A 233 -14.02 3.45 14.14
C TYR A 233 -15.16 2.46 14.33
N ASP A 234 -16.15 2.52 13.45
CA ASP A 234 -17.22 1.53 13.48
C ASP A 234 -16.70 0.13 13.13
N ILE A 235 -15.71 0.04 12.24
CA ILE A 235 -15.08 -1.26 11.96
C ILE A 235 -14.38 -1.76 13.22
N LEU A 236 -13.57 -0.90 13.84
CA LEU A 236 -12.86 -1.27 15.07
C LEU A 236 -13.81 -1.69 16.20
N LYS A 237 -14.95 -1.01 16.33
CA LYS A 237 -15.94 -1.39 17.35
C LYS A 237 -16.46 -2.82 17.12
N LYS A 238 -16.67 -3.19 15.85
CA LYS A 238 -17.10 -4.56 15.51
C LYS A 238 -16.01 -5.58 15.80
N VAL A 239 -14.77 -5.24 15.44
CA VAL A 239 -13.62 -6.10 15.72
C VAL A 239 -13.51 -6.36 17.21
N GLU A 240 -13.56 -5.29 18.01
CA GLU A 240 -13.47 -5.41 19.47
C GLU A 240 -14.55 -6.30 20.08
N LYS A 241 -15.77 -6.21 19.57
CA LYS A 241 -16.86 -7.10 20.00
C LYS A 241 -16.61 -8.53 19.57
N GLY A 242 -16.01 -8.71 18.41
CA GLY A 242 -15.51 -10.01 17.98
C GLY A 242 -16.54 -10.95 17.39
N LYS A 243 -17.77 -10.46 17.21
CA LYS A 243 -18.87 -11.29 16.72
C LYS A 243 -19.06 -11.12 15.22
N TYR A 244 -19.33 -12.24 14.57
CA TYR A 244 -19.54 -12.29 13.12
C TYR A 244 -20.54 -13.41 12.87
N THR A 245 -21.14 -13.43 11.69
CA THR A 245 -22.06 -14.50 11.33
C THR A 245 -21.68 -15.04 9.96
N PHE A 246 -22.19 -16.23 9.65
CA PHE A 246 -22.07 -16.82 8.34
C PHE A 246 -23.46 -16.85 7.70
N GLU A 247 -24.23 -15.77 7.87
CA GLU A 247 -25.64 -15.77 7.46
C GLU A 247 -25.86 -15.14 6.07
N LEU A 248 -24.78 -14.71 5.42
CA LEU A 248 -24.86 -14.19 4.05
C LEU A 248 -25.14 -15.35 3.07
N PRO A 249 -25.79 -15.06 1.92
CA PRO A 249 -26.09 -16.11 0.92
C PRO A 249 -24.86 -16.81 0.34
N GLN A 250 -23.73 -16.12 0.30
CA GLN A 250 -22.45 -16.71 -0.13
C GLN A 250 -22.13 -17.99 0.63
N TRP A 251 -22.47 -18.01 1.91
CA TRP A 251 -22.01 -19.04 2.83
C TRP A 251 -22.63 -20.43 2.69
N LYS A 252 -23.76 -20.53 1.97
CA LYS A 252 -24.39 -21.84 1.73
C LYS A 252 -23.66 -22.65 0.65
N LYS A 253 -23.00 -21.95 -0.27
CA LYS A 253 -22.07 -22.58 -1.23
C LYS A 253 -20.84 -23.19 -0.55
N VAL A 254 -20.56 -22.78 0.69
CA VAL A 254 -19.29 -23.07 1.35
C VAL A 254 -19.36 -24.25 2.32
N SER A 255 -18.37 -25.13 2.21
CA SER A 255 -18.22 -26.28 3.10
C SER A 255 -18.24 -25.89 4.57
N GLU A 256 -18.73 -26.82 5.38
CA GLU A 256 -18.77 -26.67 6.81
C GLU A 256 -17.36 -26.61 7.40
N SER A 257 -16.42 -27.35 6.81
CA SER A 257 -15.06 -27.42 7.33
C SER A 257 -14.31 -26.08 7.20
N ALA A 258 -14.56 -25.37 6.09
CA ALA A 258 -14.01 -24.03 5.92
C ALA A 258 -14.51 -23.10 7.02
N LYS A 259 -15.81 -23.11 7.30
CA LYS A 259 -16.39 -22.28 8.35
C LYS A 259 -15.91 -22.71 9.76
N ASP A 260 -15.63 -24.00 9.95
CA ASP A 260 -15.06 -24.47 11.21
C ASP A 260 -13.64 -23.92 11.39
N LEU A 261 -12.85 -23.90 10.32
CA LEU A 261 -11.50 -23.35 10.41
C LEU A 261 -11.54 -21.84 10.66
N ILE A 262 -12.38 -21.13 9.93
CA ILE A 262 -12.56 -19.70 10.16
C ILE A 262 -12.94 -19.43 11.62
N ARG A 263 -13.89 -20.20 12.15
CA ARG A 263 -14.31 -20.05 13.55
C ARG A 263 -13.13 -20.17 14.49
N LYS A 264 -12.28 -21.17 14.22
CA LYS A 264 -11.13 -21.45 15.07
C LYS A 264 -10.06 -20.36 14.97
N LEU A 266 -10.87 -17.16 14.12
CA LEU A 266 -11.51 -15.95 14.67
C LEU A 266 -12.02 -16.18 16.10
N THR A 267 -11.35 -17.07 16.82
CA THR A 267 -11.62 -17.31 18.22
C THR A 267 -11.08 -16.12 19.00
N TYR A 268 -11.90 -15.56 19.88
CA TYR A 268 -11.59 -14.29 20.51
C TYR A 268 -10.37 -14.33 21.44
N VAL A 269 -10.36 -15.26 22.38
CA VAL A 269 -9.26 -15.37 23.33
C VAL A 269 -8.11 -16.09 22.62
N PRO A 270 -6.95 -15.42 22.49
CA PRO A 270 -5.87 -15.96 21.66
C PRO A 270 -5.32 -17.31 22.13
N SER A 271 -5.27 -17.55 23.43
CA SER A 271 -4.85 -18.86 23.94
C SER A 271 -5.77 -19.99 23.43
N ARG A 273 -7.40 -19.73 20.49
CA ARG A 273 -7.34 -19.67 19.03
C ARG A 273 -6.33 -20.69 18.47
N ILE A 274 -6.66 -21.25 17.30
CA ILE A 274 -5.80 -22.22 16.64
C ILE A 274 -4.46 -21.59 16.26
N SER A 275 -3.38 -22.36 16.38
CA SER A 275 -2.06 -21.90 15.96
C SER A 275 -1.99 -22.03 14.44
N ALA A 276 -1.00 -21.37 13.83
CA ALA A 276 -0.86 -21.45 12.39
C ALA A 276 -0.51 -22.87 11.97
N ARG A 277 0.38 -23.50 12.72
CA ARG A 277 0.82 -24.85 12.39
C ARG A 277 -0.32 -25.86 12.49
N ASP A 278 -1.17 -25.71 13.51
CA ASP A 278 -2.36 -26.59 13.65
C ASP A 278 -3.39 -26.31 12.55
N ALA A 279 -3.51 -25.05 12.14
CA ALA A 279 -4.40 -24.69 11.03
C ALA A 279 -3.99 -25.39 9.73
N LEU A 280 -2.69 -25.62 9.53
CA LEU A 280 -2.20 -26.39 8.36
C LEU A 280 -2.65 -27.86 8.37
N ASP A 281 -2.94 -28.40 9.54
CA ASP A 281 -3.47 -29.76 9.65
C ASP A 281 -4.99 -29.84 9.63
N HIS A 282 -5.66 -28.69 9.55
CA HIS A 282 -7.12 -28.67 9.62
C HIS A 282 -7.70 -29.43 8.42
N GLU A 283 -8.81 -30.13 8.67
CA GLU A 283 -9.56 -30.86 7.64
C GLU A 283 -9.69 -30.09 6.32
N TRP A 284 -10.07 -28.82 6.41
CA TRP A 284 -10.32 -28.01 5.21
C TRP A 284 -9.06 -27.86 4.35
N ILE A 285 -7.93 -27.56 4.98
CA ILE A 285 -6.67 -27.45 4.24
C ILE A 285 -6.28 -28.79 3.65
N GLN A 286 -6.44 -29.85 4.44
CA GLN A 286 -6.09 -31.21 4.01
C GLN A 286 -6.96 -31.67 2.84
N THR A 287 -8.26 -31.39 2.90
CA THR A 287 -9.16 -31.85 1.83
C THR A 287 -8.99 -31.03 0.56
N TYR A 288 -8.98 -29.72 0.67
CA TYR A 288 -9.05 -28.86 -0.50
C TYR A 288 -7.70 -28.56 -1.18
N THR A 289 -6.59 -28.96 -0.57
CA THR A 289 -5.27 -28.76 -1.20
C THR A 289 -4.62 -30.07 -1.67
N LYS A 290 -5.31 -31.21 -1.51
CA LYS A 290 -4.75 -32.50 -1.94
C LYS A 290 -4.76 -32.67 -3.46
N GLU A 291 -3.83 -33.52 -3.92
CA GLU A 291 -3.60 -33.81 -5.34
C GLU A 291 -4.73 -33.36 -6.28
N GLN A 292 -5.81 -34.14 -6.36
CA GLN A 292 -6.97 -33.77 -7.18
C GLN A 292 -8.17 -34.68 -6.89
N ASP A 296 -14.64 -32.50 -7.84
CA ASP A 296 -15.21 -31.39 -8.59
C ASP A 296 -15.79 -30.34 -7.63
N VAL A 297 -15.15 -29.17 -7.58
CA VAL A 297 -15.52 -28.10 -6.66
C VAL A 297 -16.13 -26.94 -7.44
N PRO A 298 -17.29 -26.43 -7.01
CA PRO A 298 -17.95 -25.35 -7.74
C PRO A 298 -17.26 -24.01 -7.55
N SER A 299 -17.44 -23.11 -8.52
CA SER A 299 -16.88 -21.77 -8.45
C SER A 299 -17.67 -20.91 -7.48
N LEU A 300 -16.97 -20.02 -6.77
CA LEU A 300 -17.60 -19.11 -5.82
C LEU A 300 -17.83 -17.76 -6.49
N ASP A 301 -18.80 -17.73 -7.40
CA ASP A 301 -19.00 -16.58 -8.30
C ASP A 301 -19.41 -15.31 -7.58
N ASN A 302 -20.35 -15.43 -6.63
CA ASN A 302 -20.78 -14.27 -5.84
C ASN A 302 -19.64 -13.69 -4.99
N ALA A 303 -18.73 -14.56 -4.54
CA ALA A 303 -17.57 -14.10 -3.77
C ALA A 303 -16.66 -13.25 -4.65
N ILE A 304 -16.34 -13.74 -5.84
CA ILE A 304 -15.48 -13.01 -6.78
C ILE A 304 -16.10 -11.65 -7.08
N LEU A 305 -17.40 -11.64 -7.34
CA LEU A 305 -18.14 -10.40 -7.58
C LEU A 305 -18.00 -9.45 -6.40
N ASN A 306 -18.24 -9.98 -5.19
CA ASN A 306 -18.10 -9.17 -3.98
C ASN A 306 -16.66 -8.68 -3.80
N ILE A 307 -15.69 -9.57 -3.97
CA ILE A 307 -14.26 -9.19 -3.87
C ILE A 307 -13.89 -8.11 -4.88
N ARG A 308 -14.38 -8.26 -6.12
CA ARG A 308 -14.19 -7.24 -7.16
C ARG A 308 -14.63 -5.87 -6.66
N GLN A 309 -15.83 -5.82 -6.09
CA GLN A 309 -16.41 -4.57 -5.57
C GLN A 309 -15.64 -4.04 -4.35
N PHE A 310 -15.29 -4.95 -3.44
CA PHE A 310 -14.53 -4.59 -2.25
C PHE A 310 -13.18 -3.97 -2.60
N GLN A 311 -12.45 -4.64 -3.49
CA GLN A 311 -11.13 -4.19 -3.91
C GLN A 311 -11.19 -2.85 -4.65
N GLY A 312 -12.16 -2.73 -5.54
CA GLY A 312 -12.35 -1.51 -6.33
C GLY A 312 -12.56 -0.31 -5.44
N THR A 313 -13.39 -0.48 -4.41
CA THR A 313 -13.68 0.57 -3.43
C THR A 313 -12.44 0.97 -2.63
N GLN A 314 -11.70 -0.03 -2.15
CA GLN A 314 -10.49 0.21 -1.38
C GLN A 314 -9.45 0.97 -2.20
N LYS A 315 -9.28 0.57 -3.46
CA LYS A 315 -8.30 1.22 -4.33
C LYS A 315 -8.66 2.66 -4.73
N LEU A 316 -9.94 2.93 -4.96
CA LEU A 316 -10.35 4.31 -5.24
C LEU A 316 -10.17 5.21 -4.01
N ALA A 317 -10.60 4.73 -2.85
CA ALA A 317 -10.41 5.48 -1.60
C ALA A 317 -8.91 5.77 -1.37
N GLN A 318 -8.08 4.75 -1.58
CA GLN A 318 -6.63 4.88 -1.48
CA GLN A 318 -6.63 4.91 -1.47
C GLN A 318 -6.14 5.97 -2.44
N ALA A 319 -6.53 5.83 -3.70
CA ALA A 319 -6.18 6.78 -4.75
C ALA A 319 -6.62 8.20 -4.44
N ALA A 320 -7.83 8.34 -3.92
CA ALA A 320 -8.36 9.66 -3.54
C ALA A 320 -7.53 10.32 -2.45
N LEU A 321 -7.19 9.55 -1.41
CA LEU A 321 -6.32 10.05 -0.35
C LEU A 321 -4.93 10.43 -0.87
N LEU A 322 -4.38 9.60 -1.76
CA LEU A 322 -3.06 9.83 -2.35
C LEU A 322 -3.04 11.14 -3.13
N TYR A 323 -4.09 11.34 -3.92
CA TYR A 323 -4.26 12.54 -4.73
C TYR A 323 -4.36 13.80 -3.89
N GLY A 325 -3.18 14.14 -0.84
CA GLY A 325 -1.83 14.28 -0.27
C GLY A 325 -0.84 14.89 -1.26
N SER A 326 -0.95 14.48 -2.53
CA SER A 326 -0.07 15.01 -3.59
C SER A 326 -0.32 16.48 -3.86
N LYS A 327 -1.59 16.90 -3.81
CA LYS A 327 -1.92 18.32 -3.95
C LYS A 327 -1.34 19.14 -2.79
N LEU A 328 -1.47 18.62 -1.57
CA LEU A 328 -0.88 19.29 -0.41
C LEU A 328 0.65 19.35 -0.49
N THR A 329 1.28 18.24 -0.86
CA THR A 329 2.73 18.20 -1.06
C THR A 329 3.17 19.24 -2.09
N SER A 330 2.41 19.37 -3.18
CA SER A 330 2.68 20.39 -4.20
C SER A 330 2.59 21.83 -3.65
N GLN A 331 1.55 22.13 -2.88
CA GLN A 331 1.44 23.45 -2.26
C GLN A 331 2.67 23.74 -1.42
N ASP A 332 3.12 22.72 -0.70
CA ASP A 332 4.29 22.83 0.15
C ASP A 332 5.56 23.03 -0.71
N GLU A 333 5.83 22.10 -1.61
CA GLU A 333 7.09 22.08 -2.38
C GLU A 333 7.23 23.19 -3.45
N THR A 334 6.11 23.64 -4.02
CA THR A 334 6.16 24.65 -5.07
C THR A 334 6.67 26.00 -4.54
N LYS A 335 6.17 26.42 -3.39
CA LYS A 335 6.63 27.66 -2.78
C LYS A 335 8.02 27.53 -2.19
N GLU A 336 8.36 26.36 -1.66
CA GLU A 336 9.71 26.13 -1.11
C GLU A 336 10.78 26.17 -2.19
N LEU A 337 10.53 25.49 -3.31
CA LEU A 337 11.51 25.45 -4.39
C LEU A 337 11.78 26.86 -4.93
N THR A 338 10.72 27.64 -5.10
CA THR A 338 10.82 29.04 -5.50
C THR A 338 11.66 29.86 -4.51
N ALA A 339 11.48 29.62 -3.21
CA ALA A 339 12.24 30.35 -2.19
C ALA A 339 13.71 29.93 -2.19
N ILE A 340 13.97 28.65 -2.41
CA ILE A 340 15.34 28.13 -2.52
C ILE A 340 16.09 28.79 -3.68
N PHE A 341 15.47 28.84 -4.86
CA PHE A 341 16.09 29.48 -6.03
C PHE A 341 16.22 31.00 -5.87
N HIS A 342 15.24 31.64 -5.25
CA HIS A 342 15.31 33.08 -4.99
C HIS A 342 16.54 33.41 -4.14
N LYS A 343 16.79 32.59 -3.11
CA LYS A 343 17.99 32.73 -2.28
C LYS A 343 19.29 32.59 -3.10
N ASP A 345 19.67 33.10 -6.29
CA ASP A 345 19.74 34.10 -7.34
C ASP A 345 20.26 35.44 -6.77
N LYS A 346 21.58 35.57 -6.78
CA LYS A 346 22.27 36.72 -6.17
C LYS A 346 21.87 38.07 -6.76
N ASN A 347 21.83 38.15 -8.09
CA ASN A 347 21.56 39.42 -8.77
C ASN A 347 20.08 39.82 -8.70
N GLY A 348 19.20 38.84 -8.53
CA GLY A 348 17.75 39.05 -8.61
C GLY A 348 17.30 39.17 -10.05
N ASP A 349 18.03 38.53 -10.96
CA ASP A 349 17.71 38.56 -12.39
C ASP A 349 16.79 37.41 -12.80
N GLY A 350 16.62 36.44 -11.90
CA GLY A 350 15.75 35.29 -12.14
C GLY A 350 16.39 34.15 -12.92
N GLN A 351 17.71 34.19 -13.10
CA GLN A 351 18.44 33.27 -13.97
C GLN A 351 19.42 32.39 -13.18
N LEU A 352 19.29 31.07 -13.35
CA LEU A 352 20.20 30.10 -12.74
C LEU A 352 20.64 29.12 -13.81
N ASP A 353 21.82 28.54 -13.64
CA ASP A 353 22.27 27.50 -14.57
C ASP A 353 21.79 26.13 -14.11
N ARG A 354 22.00 25.13 -14.95
CA ARG A 354 21.60 23.76 -14.66
C ARG A 354 22.15 23.27 -13.33
N ALA A 355 23.43 23.53 -13.07
CA ALA A 355 24.08 23.03 -11.85
C ALA A 355 23.42 23.62 -10.61
N GLU A 356 23.04 24.89 -10.69
CA GLU A 356 22.35 25.55 -9.59
C GLU A 356 20.91 25.01 -9.43
N LEU A 357 20.23 24.76 -10.54
CA LEU A 357 18.90 24.16 -10.49
C LEU A 357 18.96 22.80 -9.80
N ILE A 358 20.01 22.02 -10.08
CA ILE A 358 20.23 20.71 -9.47
C ILE A 358 20.45 20.80 -7.96
N GLU A 359 21.30 21.73 -7.51
CA GLU A 359 21.58 21.89 -6.07
C GLU A 359 20.33 22.37 -5.33
N GLY A 360 19.58 23.26 -5.96
CA GLY A 360 18.34 23.75 -5.39
C GLY A 360 17.30 22.65 -5.26
N TYR A 361 17.15 21.84 -6.31
CA TYR A 361 16.21 20.71 -6.30
C TYR A 361 16.66 19.65 -5.29
N LYS A 362 17.98 19.42 -5.22
CA LYS A 362 18.56 18.49 -4.25
C LYS A 362 18.16 18.85 -2.83
N GLU A 363 18.35 20.12 -2.49
CA GLU A 363 17.99 20.63 -1.16
C GLU A 363 16.53 20.33 -0.86
N LEU A 364 15.65 20.71 -1.78
CA LEU A 364 14.22 20.43 -1.61
C LEU A 364 13.95 18.96 -1.28
N ARG A 366 15.95 16.50 -0.11
CA ARG A 366 16.56 15.95 1.10
C ARG A 366 15.68 16.16 2.33
N LYS A 368 12.31 17.28 2.47
CA LYS A 368 10.89 16.92 2.35
C LYS A 368 10.72 15.39 2.40
N GLY A 369 11.56 14.68 1.65
CA GLY A 369 11.56 13.22 1.65
C GLY A 369 10.29 12.58 1.12
N GLN A 370 9.62 13.27 0.20
CA GLN A 370 8.36 12.78 -0.38
C GLN A 370 8.59 11.95 -1.64
N ASP A 371 9.81 11.98 -2.17
CA ASP A 371 10.18 11.15 -3.31
C ASP A 371 11.46 10.37 -2.99
N ALA A 372 11.29 9.12 -2.60
CA ALA A 372 12.41 8.23 -2.29
C ALA A 372 13.30 8.00 -3.51
N SER A 373 12.74 8.14 -4.72
CA SER A 373 13.52 7.96 -5.94
C SER A 373 14.48 9.13 -6.23
N LEU A 375 16.66 10.61 -3.98
CA LEU A 375 17.67 10.76 -2.94
C LEU A 375 19.08 10.74 -3.52
N ASP A 376 19.28 9.97 -4.60
CA ASP A 376 20.57 9.95 -5.28
C ASP A 376 20.77 11.20 -6.16
N ALA A 377 21.93 11.81 -6.05
CA ALA A 377 22.29 13.00 -6.83
C ALA A 377 22.20 12.80 -8.35
N SER A 378 22.60 11.60 -8.82
CA SER A 378 22.50 11.28 -10.24
C SER A 378 21.05 11.29 -10.72
N ALA A 379 20.14 10.84 -9.85
CA ALA A 379 18.71 10.80 -10.17
C ALA A 379 18.09 12.21 -10.26
N VAL A 380 18.56 13.12 -9.41
CA VAL A 380 18.11 14.51 -9.47
C VAL A 380 18.62 15.21 -10.73
N GLU A 381 19.88 14.96 -11.08
CA GLU A 381 20.45 15.44 -12.33
C GLU A 381 19.58 14.98 -13.51
N HIS A 382 19.19 13.70 -13.48
CA HIS A 382 18.34 13.16 -14.53
C HIS A 382 16.97 13.82 -14.55
N GLU A 383 16.37 14.00 -13.39
CA GLU A 383 15.04 14.62 -13.30
C GLU A 383 15.04 16.06 -13.81
N VAL A 384 16.07 16.82 -13.47
CA VAL A 384 16.19 18.19 -13.94
C VAL A 384 16.29 18.22 -15.47
N ASP A 385 17.08 17.31 -16.04
CA ASP A 385 17.23 17.20 -17.49
C ASP A 385 15.93 16.81 -18.19
N GLN A 386 15.11 15.98 -17.53
CA GLN A 386 13.79 15.64 -18.05
C GLN A 386 12.89 16.88 -18.08
N VAL A 387 12.92 17.65 -17.00
CA VAL A 387 12.15 18.89 -16.90
C VAL A 387 12.64 19.91 -17.94
N LEU A 388 13.95 20.10 -18.01
CA LEU A 388 14.53 21.01 -18.99
C LEU A 388 14.20 20.56 -20.42
N ASP A 389 14.28 19.26 -20.69
CA ASP A 389 13.97 18.72 -22.03
C ASP A 389 12.51 18.90 -22.39
N ALA A 390 11.63 18.86 -21.39
CA ALA A 390 10.20 19.09 -21.60
C ALA A 390 9.91 20.52 -22.06
N VAL A 391 10.53 21.50 -21.43
CA VAL A 391 10.21 22.92 -21.66
C VAL A 391 11.13 23.62 -22.68
N ASP A 392 11.75 22.84 -23.56
CA ASP A 392 12.59 23.40 -24.64
C ASP A 392 13.68 24.36 -24.16
N PHE A 393 14.18 24.15 -22.95
CA PHE A 393 15.28 24.97 -22.44
C PHE A 393 16.61 24.27 -22.66
N ASP A 394 17.60 25.03 -23.11
CA ASP A 394 18.93 24.49 -23.31
C ASP A 394 19.61 24.26 -21.97
N LYS A 395 20.17 23.07 -21.79
CA LYS A 395 20.74 22.68 -20.51
CA LYS A 395 20.80 22.61 -20.54
C LYS A 395 22.10 23.35 -20.23
N ASN A 396 22.75 23.87 -21.26
CA ASN A 396 24.12 24.35 -21.10
CA ASN A 396 24.13 24.37 -21.17
C ASN A 396 24.24 25.86 -20.86
N GLY A 397 23.11 26.57 -20.88
CA GLY A 397 23.08 28.01 -20.61
C GLY A 397 22.39 28.34 -19.28
N TYR A 398 22.13 29.63 -19.06
CA TYR A 398 21.38 30.09 -17.88
C TYR A 398 19.88 30.06 -18.17
N ILE A 399 19.11 29.69 -17.14
CA ILE A 399 17.71 29.34 -17.28
C ILE A 399 16.85 30.18 -16.34
N GLU A 400 15.67 30.59 -16.81
CA GLU A 400 14.67 31.26 -15.97
C GLU A 400 14.07 30.26 -14.98
N TYR A 401 14.46 30.35 -13.71
CA TYR A 401 14.08 29.32 -12.72
C TYR A 401 12.58 29.26 -12.43
N SER A 402 11.91 30.41 -12.49
CA SER A 402 10.47 30.46 -12.25
C SER A 402 9.71 29.57 -13.25
N GLU A 403 10.22 29.46 -14.48
CA GLU A 403 9.60 28.60 -15.49
C GLU A 403 9.90 27.12 -15.24
N PHE A 404 11.13 26.83 -14.81
CA PHE A 404 11.52 25.47 -14.42
C PHE A 404 10.68 24.97 -13.24
N VAL A 405 10.43 25.83 -12.27
CA VAL A 405 9.62 25.48 -11.11
C VAL A 405 8.20 25.10 -11.56
N THR A 406 7.62 25.91 -12.44
CA THR A 406 6.27 25.68 -12.96
C THR A 406 6.19 24.34 -13.66
N VAL A 407 7.10 24.10 -14.59
CA VAL A 407 7.10 22.85 -15.35
C VAL A 407 7.32 21.63 -14.44
N ALA A 408 8.31 21.72 -13.55
CA ALA A 408 8.62 20.62 -12.64
C ALA A 408 7.45 20.26 -11.73
N ASP A 410 4.10 21.36 -12.36
CA ASP A 410 3.01 21.00 -13.28
C ASP A 410 3.12 19.56 -13.76
N ARG A 411 4.33 19.11 -14.09
CA ARG A 411 4.59 17.69 -14.39
C ARG A 411 4.04 16.78 -13.31
N LYS A 412 4.39 17.07 -12.06
CA LYS A 412 3.94 16.25 -10.94
C LYS A 412 2.43 16.31 -10.79
N THR A 413 1.88 17.52 -10.89
CA THR A 413 0.44 17.73 -10.80
C THR A 413 -0.32 16.95 -11.88
N LEU A 414 0.17 16.98 -13.11
CA LEU A 414 -0.45 16.21 -14.20
C LEU A 414 -0.40 14.71 -13.86
N LEU A 415 0.77 14.23 -13.43
CA LEU A 415 0.96 12.82 -13.10
C LEU A 415 0.01 12.35 -12.02
N SER A 416 -0.20 13.20 -11.01
CA SER A 416 -1.13 12.89 -9.93
C SER A 416 -2.56 12.80 -10.46
N ARG A 417 -2.97 13.75 -11.31
CA ARG A 417 -4.33 13.77 -11.83
C ARG A 417 -4.60 12.53 -12.70
N GLU A 418 -3.68 12.23 -13.60
CA GLU A 418 -3.74 11.02 -14.42
C GLU A 418 -3.85 9.74 -13.57
N ARG A 419 -3.17 9.72 -12.44
CA ARG A 419 -3.17 8.56 -11.54
C ARG A 419 -4.55 8.39 -10.89
N LEU A 420 -5.17 9.50 -10.51
CA LEU A 420 -6.52 9.46 -9.93
C LEU A 420 -7.52 8.97 -10.97
N GLU A 421 -7.41 9.52 -12.18
CA GLU A 421 -8.31 9.16 -13.26
C GLU A 421 -8.30 7.67 -13.52
N ARG A 422 -7.11 7.08 -13.66
CA ARG A 422 -7.01 5.63 -13.87
C ARG A 422 -7.78 4.85 -12.81
N ALA A 423 -7.71 5.29 -11.56
CA ALA A 423 -8.42 4.63 -10.47
C ALA A 423 -9.93 4.88 -10.54
N PHE A 424 -10.33 6.06 -11.00
CA PHE A 424 -11.75 6.35 -11.22
C PHE A 424 -12.33 5.41 -12.29
N ARG A 425 -11.64 5.31 -13.42
CA ARG A 425 -12.04 4.41 -14.52
C ARG A 425 -12.10 2.95 -14.09
N PHE A 427 -12.71 1.85 -11.04
CA PHE A 427 -13.86 1.67 -10.16
C PHE A 427 -15.20 1.61 -10.91
N ASP A 428 -15.29 2.41 -11.97
CA ASP A 428 -16.49 2.54 -12.77
C ASP A 428 -16.57 1.35 -13.71
N SER A 429 -16.92 0.19 -13.15
CA SER A 429 -16.84 -1.09 -13.86
CA SER A 429 -16.85 -1.10 -13.86
C SER A 429 -17.82 -1.20 -15.04
N ASP A 430 -18.96 -0.52 -14.95
CA ASP A 430 -19.94 -0.50 -16.04
C ASP A 430 -19.72 0.61 -17.09
N ASN A 431 -18.59 1.32 -16.99
CA ASN A 431 -18.27 2.43 -17.87
C ASN A 431 -19.40 3.47 -17.98
N SER A 432 -20.02 3.78 -16.84
CA SER A 432 -21.14 4.74 -16.80
C SER A 432 -20.61 6.16 -16.90
N GLY A 433 -19.36 6.35 -16.49
CA GLY A 433 -18.73 7.64 -16.42
C GLY A 433 -19.02 8.40 -15.14
N LYS A 434 -19.81 7.79 -14.24
CA LYS A 434 -20.30 8.44 -13.02
C LYS A 434 -20.06 7.57 -11.79
N ILE A 435 -19.96 8.22 -10.63
CA ILE A 435 -20.05 7.55 -9.34
C ILE A 435 -21.31 8.06 -8.66
N SER A 436 -22.18 7.17 -8.23
CA SER A 436 -23.43 7.53 -7.58
C SER A 436 -23.18 8.06 -6.17
N SER A 437 -24.20 8.71 -5.60
CA SER A 437 -24.11 9.24 -4.24
C SER A 437 -23.93 8.13 -3.21
N THR A 438 -24.54 6.97 -3.48
CA THR A 438 -24.39 5.80 -2.61
C THR A 438 -22.96 5.30 -2.63
N GLU A 439 -22.35 5.29 -3.80
CA GLU A 439 -20.96 4.87 -3.97
C GLU A 439 -20.00 5.85 -3.30
N LEU A 440 -20.26 7.16 -3.44
CA LEU A 440 -19.43 8.16 -2.77
C LEU A 440 -19.41 7.94 -1.28
N ALA A 441 -20.60 7.69 -0.71
CA ALA A 441 -20.75 7.44 0.72
C ALA A 441 -19.84 6.30 1.18
N THR A 442 -19.84 5.20 0.43
CA THR A 442 -18.97 4.07 0.71
C THR A 442 -17.49 4.42 0.57
N ILE A 443 -17.13 5.11 -0.51
CA ILE A 443 -15.76 5.53 -0.77
C ILE A 443 -15.23 6.47 0.32
N PHE A 444 -15.99 7.52 0.63
CA PHE A 444 -15.57 8.47 1.66
C PHE A 444 -15.59 7.86 3.06
N GLY A 445 -16.49 6.91 3.29
CA GLY A 445 -16.49 6.14 4.53
C GLY A 445 -15.20 5.34 4.68
N VAL A 446 -14.78 4.66 3.63
CA VAL A 446 -13.50 3.93 3.62
C VAL A 446 -12.33 4.90 3.79
N SER A 447 -12.45 6.08 3.19
CA SER A 447 -11.44 7.13 3.29
C SER A 447 -11.52 7.92 4.60
N ASP A 448 -12.52 7.58 5.42
CA ASP A 448 -12.78 8.24 6.71
C ASP A 448 -12.93 9.76 6.60
N VAL A 449 -13.38 10.24 5.45
CA VAL A 449 -13.78 11.64 5.32
C VAL A 449 -15.16 11.78 5.93
N ASP A 450 -15.28 12.69 6.88
CA ASP A 450 -16.52 12.94 7.61
C ASP A 450 -17.74 13.06 6.68
N SER A 451 -18.84 12.43 7.07
CA SER A 451 -20.03 12.35 6.21
C SER A 451 -20.64 13.70 5.90
N GLU A 452 -20.86 14.52 6.93
CA GLU A 452 -21.40 15.87 6.74
C GLU A 452 -20.49 16.73 5.85
N THR A 453 -19.18 16.48 5.94
CA THR A 453 -18.19 17.26 5.21
C THR A 453 -18.21 16.96 3.71
N TRP A 454 -18.19 15.69 3.32
CA TRP A 454 -18.23 15.37 1.90
C TRP A 454 -19.61 15.67 1.32
N LYS A 455 -20.67 15.38 2.08
CA LYS A 455 -22.02 15.71 1.64
C LYS A 455 -22.12 17.20 1.33
N SER A 456 -21.54 18.01 2.21
CA SER A 456 -21.45 19.46 2.02
C SER A 456 -20.67 19.83 0.76
N VAL A 457 -19.52 19.19 0.56
CA VAL A 457 -18.72 19.42 -0.65
C VAL A 457 -19.47 18.94 -1.88
N LEU A 458 -20.17 17.80 -1.77
CA LEU A 458 -21.02 17.29 -2.86
C LEU A 458 -22.13 18.28 -3.22
N SER A 459 -22.68 18.96 -2.22
CA SER A 459 -23.74 19.95 -2.47
C SER A 459 -23.22 21.18 -3.23
N GLU A 460 -21.99 21.59 -2.96
CA GLU A 460 -21.37 22.70 -3.68
C GLU A 460 -21.04 22.34 -5.12
N VAL A 461 -20.71 21.07 -5.38
CA VAL A 461 -20.31 20.60 -6.71
C VAL A 461 -21.52 20.12 -7.52
N ASP A 462 -22.38 19.31 -6.90
CA ASP A 462 -23.62 18.83 -7.51
C ASP A 462 -24.74 19.85 -7.25
N LYS A 463 -24.73 20.93 -8.03
CA LYS A 463 -25.70 22.01 -7.85
C LYS A 463 -27.08 21.69 -8.44
N ASN A 464 -27.25 20.48 -8.99
CA ASN A 464 -28.50 20.11 -9.65
C ASN A 464 -29.14 18.79 -9.20
N ASN A 465 -28.71 18.29 -8.03
CA ASN A 465 -29.31 17.11 -7.40
C ASN A 465 -29.39 15.89 -8.33
N ASP A 466 -28.32 15.65 -9.08
CA ASP A 466 -28.25 14.49 -9.97
C ASP A 466 -27.99 13.21 -9.18
N GLY A 467 -27.40 13.34 -8.00
CA GLY A 467 -27.07 12.19 -7.16
C GLY A 467 -25.93 11.37 -7.72
N GLU A 468 -25.08 12.00 -8.53
CA GLU A 468 -23.95 11.33 -9.15
C GLU A 468 -22.91 12.35 -9.61
N VAL A 469 -21.65 11.92 -9.72
CA VAL A 469 -20.58 12.77 -10.17
C VAL A 469 -19.74 12.07 -11.24
N ASP A 470 -19.32 12.84 -12.25
CA ASP A 470 -18.34 12.36 -13.21
C ASP A 470 -16.93 12.58 -12.65
N PHE A 471 -15.92 12.24 -13.43
CA PHE A 471 -14.55 12.29 -12.94
C PHE A 471 -14.13 13.70 -12.54
N ASP A 472 -14.36 14.68 -13.40
CA ASP A 472 -13.93 16.04 -13.10
C ASP A 472 -14.55 16.53 -11.79
N GLU A 473 -15.84 16.23 -11.62
CA GLU A 473 -16.58 16.62 -10.43
C GLU A 473 -16.03 15.93 -9.17
N PHE A 474 -15.74 14.63 -9.26
CA PHE A 474 -15.11 13.88 -8.18
C PHE A 474 -13.78 14.53 -7.81
N GLN A 475 -12.99 14.84 -8.83
CA GLN A 475 -11.71 15.53 -8.65
C GLN A 475 -11.88 16.88 -7.96
N GLN A 476 -12.90 17.65 -8.36
CA GLN A 476 -13.17 18.93 -7.73
C GLN A 476 -13.51 18.77 -6.25
N LEU A 478 -12.45 16.38 -4.24
CA LEU A 478 -11.20 16.08 -3.56
C LEU A 478 -10.34 17.32 -3.32
N LEU A 479 -10.29 18.22 -4.29
CA LEU A 479 -9.57 19.48 -4.11
C LEU A 479 -10.21 20.31 -3.01
N LYS A 480 -11.54 20.39 -3.00
CA LYS A 480 -12.27 21.09 -1.93
C LYS A 480 -12.07 20.44 -0.56
N LEU A 481 -11.84 19.13 -0.55
CA LEU A 481 -11.59 18.38 0.68
C LEU A 481 -10.12 18.41 1.13
N CYS A 482 -9.27 19.14 0.43
CA CYS A 482 -7.92 19.41 0.92
C CYS A 482 -7.60 20.90 0.79
N GLY A 483 -8.60 21.72 1.12
CA GLY A 483 -8.42 23.17 1.25
C GLY A 483 -8.22 23.92 -0.05
N ASN A 484 -8.78 23.41 -1.15
CA ASN A 484 -8.73 24.10 -2.44
C ASN A 484 -10.11 24.17 -3.09
#